data_5H0G
#
_entry.id   5H0G
#
_cell.length_a   43.072
_cell.length_b   85.338
_cell.length_c   129.717
_cell.angle_alpha   90.000
_cell.angle_beta   90.000
_cell.angle_gamma   90.000
#
_symmetry.space_group_name_H-M   'P 21 21 21'
#
loop_
_entity.id
_entity.type
_entity.pdbx_description
1 polymer 'Tyrosine-protein kinase HCK'
2 non-polymer (2~{S})-2-[[4-[4-azanyl-5-(4-phenoxyphenyl)pyrrolo[2,3-d]pyrimidin-7-yl]cyclohexyl]amino]-~{N},4-dimethyl-pentanamide
3 water water
#
_entity_poly.entity_id   1
_entity_poly.type   'polypeptide(L)'
_entity_poly.pdbx_seq_one_letter_code
;GAMGSGIRIIVVALYDYEAIHHEDLSFQKGDQMVVLEESGEWWKARSLATRKEGYIPSNYVARVDSLETEEWFFKGISRK
DAERQLLAPGNMLGSFMIRDSETTKGSYSLSVRDYDPRQGDTVKHYKIRTLDNGGFYISPRSTFSTLQELVDHYKKGNDG
LCQKLSVPCMSSKPQKPWEKDAWEIPRESLKLEKKLGAGQFGEVWMATYNKHTKVAVKTMKPGSMSVEAFLAEANVMKTL
QHDKLVKLHAVVTKEPIYIITEFMAKGSLLDFLKSDEGSKQPLPKLIDFSAQIAEGMAFIEQRNYIHRDLRAANILVSAS
LVCKIADFGLARVIEDNEYTAREGAKFPIKWTAPEAINFGSFTIKSDVWSFGILLMEIVTYGRIPYPGMSNPEVIRALER
GYRMPRPENCPEELYNIMMRCWKNRPEERPTFEYIQSVLDDFYTATESQ(PTR)EEIP
;
_entity_poly.pdbx_strand_id   A
#
loop_
_chem_comp.id
_chem_comp.type
_chem_comp.name
_chem_comp.formula
OOU non-polymer (2~{S})-2-[[4-[4-azanyl-5-(4-phenoxyphenyl)pyrrolo[2,3-d]pyrimidin-7-yl]cyclohexyl]amino]-~{N},4-dimethyl-pentanamide 'C31 H38 N6 O2'
#
# COMPACT_ATOMS: atom_id res chain seq x y z
N ARG A 8 34.83 2.05 -7.03
CA ARG A 8 34.49 1.20 -5.89
C ARG A 8 33.33 1.78 -5.08
N ILE A 9 32.14 1.22 -5.26
CA ILE A 9 30.97 1.57 -4.44
C ILE A 9 30.69 0.46 -3.44
N ILE A 10 30.76 0.79 -2.15
CA ILE A 10 30.72 -0.23 -1.11
C ILE A 10 29.41 -0.23 -0.31
N VAL A 11 28.88 -1.43 -0.08
CA VAL A 11 27.66 -1.58 0.70
C VAL A 11 27.80 -2.70 1.74
N VAL A 12 26.92 -2.69 2.74
CA VAL A 12 26.93 -3.69 3.80
C VAL A 12 25.55 -4.35 3.93
N ALA A 13 25.54 -5.65 4.20
CA ALA A 13 24.29 -6.40 4.34
C ALA A 13 23.51 -5.99 5.57
N LEU A 14 22.18 -5.96 5.45
CA LEU A 14 21.32 -5.60 6.57
C LEU A 14 20.66 -6.82 7.18
N TYR A 15 20.14 -7.71 6.33
CA TYR A 15 19.42 -8.88 6.80
C TYR A 15 20.10 -10.18 6.39
N ASP A 16 19.45 -11.29 6.70
CA ASP A 16 19.95 -12.61 6.32
C ASP A 16 19.28 -13.09 5.04
N TYR A 17 20.09 -13.44 4.04
CA TYR A 17 19.58 -13.92 2.76
C TYR A 17 20.45 -15.04 2.18
N GLU A 18 19.81 -16.11 1.74
CA GLU A 18 20.52 -17.23 1.14
C GLU A 18 20.14 -17.38 -0.33
N ALA A 19 20.82 -18.30 -1.02
CA ALA A 19 20.58 -18.51 -2.44
C ALA A 19 19.14 -18.93 -2.72
N ILE A 20 18.57 -18.39 -3.79
CA ILE A 20 17.24 -18.79 -4.22
C ILE A 20 17.27 -19.02 -5.74
N HIS A 21 18.11 -18.25 -6.41
CA HIS A 21 18.26 -18.36 -7.85
C HIS A 21 19.62 -18.94 -8.23
N HIS A 22 20.02 -18.73 -9.48
CA HIS A 22 21.25 -19.30 -10.01
C HIS A 22 22.48 -18.90 -9.19
N GLU A 23 22.81 -17.62 -9.21
CA GLU A 23 24.01 -17.13 -8.53
C GLU A 23 23.70 -16.09 -7.46
N ASP A 24 23.15 -16.55 -6.34
CA ASP A 24 22.95 -15.68 -5.18
C ASP A 24 24.04 -15.98 -4.15
N LEU A 25 24.21 -15.08 -3.19
CA LEU A 25 25.37 -15.14 -2.30
C LEU A 25 25.02 -15.43 -0.85
N SER A 26 26.01 -15.24 0.02
CA SER A 26 25.82 -15.42 1.45
C SER A 26 25.57 -14.09 2.12
N PHE A 27 24.60 -14.06 3.02
CA PHE A 27 24.24 -12.82 3.71
C PHE A 27 24.13 -13.00 5.21
N GLN A 28 25.26 -13.04 5.89
CA GLN A 28 25.23 -12.91 7.33
C GLN A 28 24.85 -11.47 7.63
N LYS A 29 24.25 -11.24 8.80
CA LYS A 29 23.62 -9.96 9.10
C LYS A 29 24.55 -8.75 8.99
N GLY A 30 25.86 -8.99 8.87
CA GLY A 30 26.81 -7.90 8.77
C GLY A 30 28.01 -8.12 7.86
N ASP A 31 27.75 -8.58 6.64
CA ASP A 31 28.81 -8.74 5.64
C ASP A 31 28.92 -7.51 4.75
N GLN A 32 30.09 -7.28 4.19
CA GLN A 32 30.33 -6.09 3.38
C GLN A 32 30.69 -6.45 1.95
N MET A 33 30.15 -5.69 1.00
CA MET A 33 30.34 -6.02 -0.42
C MET A 33 30.58 -4.77 -1.27
N VAL A 34 30.93 -5.00 -2.54
CA VAL A 34 31.15 -3.91 -3.48
C VAL A 34 30.21 -4.02 -4.67
N VAL A 35 29.47 -2.96 -4.94
CA VAL A 35 28.50 -2.94 -6.04
C VAL A 35 29.18 -2.93 -7.40
N LEU A 36 28.78 -3.85 -8.27
CA LEU A 36 29.27 -3.89 -9.64
C LEU A 36 28.27 -3.24 -10.58
N GLU A 37 27.01 -3.67 -10.49
CA GLU A 37 25.95 -3.13 -11.34
C GLU A 37 24.73 -2.70 -10.53
N GLU A 38 23.89 -1.86 -11.12
CA GLU A 38 22.72 -1.33 -10.43
C GLU A 38 21.50 -1.24 -11.33
N SER A 39 21.15 -2.33 -11.99
CA SER A 39 19.95 -2.36 -12.83
C SER A 39 18.86 -3.18 -12.15
N GLY A 40 17.70 -2.56 -11.94
CA GLY A 40 16.60 -3.22 -11.25
C GLY A 40 16.84 -3.28 -9.76
N GLU A 41 16.01 -4.04 -9.06
CA GLU A 41 16.13 -4.19 -7.61
C GLU A 41 17.07 -5.34 -7.25
N TRP A 42 17.64 -5.97 -8.26
CA TRP A 42 18.70 -6.96 -8.06
C TRP A 42 20.03 -6.38 -8.51
N TRP A 43 21.01 -6.37 -7.61
CA TRP A 43 22.31 -5.80 -7.92
C TRP A 43 23.37 -6.88 -8.08
N LYS A 44 24.22 -6.71 -9.09
CA LYS A 44 25.37 -7.58 -9.27
C LYS A 44 26.52 -7.02 -8.44
N ALA A 45 27.07 -7.85 -7.57
CA ALA A 45 28.09 -7.38 -6.63
C ALA A 45 29.02 -8.49 -6.18
N ARG A 46 30.21 -8.10 -5.74
CA ARG A 46 31.21 -9.05 -5.26
C ARG A 46 31.48 -8.85 -3.77
N SER A 47 31.59 -9.96 -3.05
CA SER A 47 31.85 -9.93 -1.61
C SER A 47 33.32 -10.04 -1.30
N LEU A 48 33.73 -9.51 -0.14
CA LEU A 48 35.11 -9.62 0.29
C LEU A 48 35.26 -10.74 1.32
N ALA A 49 34.15 -11.12 1.94
CA ALA A 49 34.14 -12.26 2.85
C ALA A 49 33.98 -13.55 2.06
N THR A 50 35.04 -14.36 2.06
CA THR A 50 35.14 -15.62 1.31
C THR A 50 35.03 -15.42 -0.22
N ARG A 51 34.82 -14.17 -0.63
CA ARG A 51 34.84 -13.75 -2.03
C ARG A 51 34.07 -14.63 -3.01
N LYS A 52 32.89 -15.09 -2.61
CA LYS A 52 31.97 -15.72 -3.54
C LYS A 52 31.16 -14.63 -4.22
N GLU A 53 30.73 -14.85 -5.46
CA GLU A 53 30.10 -13.78 -6.24
C GLU A 53 28.74 -14.16 -6.82
N GLY A 54 28.09 -13.19 -7.46
CA GLY A 54 26.79 -13.39 -8.07
C GLY A 54 25.88 -12.18 -7.96
N TYR A 55 24.58 -12.42 -7.78
CA TYR A 55 23.60 -11.35 -7.68
C TYR A 55 23.02 -11.23 -6.27
N ILE A 56 22.65 -10.01 -5.89
CA ILE A 56 22.10 -9.75 -4.55
C ILE A 56 20.84 -8.90 -4.60
N PRO A 57 19.94 -9.07 -3.61
CA PRO A 57 18.78 -8.18 -3.47
C PRO A 57 19.18 -6.83 -2.89
N SER A 58 18.87 -5.76 -3.61
CA SER A 58 19.32 -4.43 -3.23
C SER A 58 18.69 -3.92 -1.93
N ASN A 59 17.50 -4.42 -1.59
CA ASN A 59 16.81 -3.95 -0.40
C ASN A 59 17.30 -4.66 0.87
N TYR A 60 18.29 -5.53 0.71
CA TYR A 60 18.88 -6.21 1.86
C TYR A 60 20.22 -5.59 2.22
N VAL A 61 20.71 -4.68 1.37
CA VAL A 61 22.01 -4.06 1.60
C VAL A 61 21.88 -2.56 1.83
N ALA A 62 22.97 -1.95 2.30
CA ALA A 62 23.01 -0.52 2.56
C ALA A 62 24.43 0.02 2.44
N ARG A 63 24.56 1.27 2.00
CA ARG A 63 25.87 1.91 1.93
C ARG A 63 26.48 2.00 3.32
N VAL A 64 27.77 1.66 3.41
CA VAL A 64 28.46 1.48 4.68
C VAL A 64 28.51 2.73 5.56
N ASP A 65 28.48 3.90 4.94
CA ASP A 65 28.55 5.15 5.69
C ASP A 65 27.18 5.80 5.88
N SER A 66 26.16 5.25 5.21
CA SER A 66 24.82 5.82 5.26
C SER A 66 24.07 5.44 6.53
N LEU A 67 23.03 6.21 6.82
CA LEU A 67 22.21 5.98 8.00
C LEU A 67 21.40 4.68 7.91
N GLU A 68 21.27 4.18 6.70
CA GLU A 68 20.48 2.97 6.41
C GLU A 68 20.94 1.78 7.23
N THR A 69 22.17 1.82 7.72
CA THR A 69 22.72 0.74 8.51
C THR A 69 22.13 0.72 9.91
N GLU A 70 21.62 1.86 10.37
CA GLU A 70 21.11 1.98 11.73
C GLU A 70 19.71 1.41 11.90
N GLU A 71 19.48 0.75 13.04
CA GLU A 71 18.20 0.12 13.34
C GLU A 71 17.06 1.12 13.45
N TRP A 72 17.37 2.33 13.88
CA TRP A 72 16.34 3.33 14.10
C TRP A 72 16.10 4.23 12.90
N PHE A 73 16.81 3.97 11.80
CA PHE A 73 16.59 4.77 10.61
C PHE A 73 15.74 4.02 9.58
N PHE A 74 14.74 4.71 9.06
CA PHE A 74 13.78 4.11 8.14
C PHE A 74 13.78 4.89 6.84
N LYS A 75 14.53 4.41 5.86
CA LYS A 75 14.65 5.14 4.61
C LYS A 75 13.46 4.86 3.71
N GLY A 76 13.01 5.89 3.02
CA GLY A 76 12.04 5.72 1.95
C GLY A 76 10.63 5.51 2.45
N ILE A 77 10.33 6.03 3.63
CA ILE A 77 8.94 5.99 4.08
C ILE A 77 8.42 7.39 4.34
N SER A 78 7.10 7.55 4.29
CA SER A 78 6.47 8.84 4.47
C SER A 78 6.13 9.08 5.94
N ARG A 79 5.67 10.28 6.24
CA ARG A 79 5.17 10.63 7.56
C ARG A 79 4.02 9.71 7.95
N LYS A 80 3.12 9.49 7.02
CA LYS A 80 1.95 8.65 7.28
C LYS A 80 2.34 7.19 7.48
N ASP A 81 3.24 6.68 6.63
CA ASP A 81 3.83 5.34 6.79
C ASP A 81 4.40 5.18 8.21
N ALA A 82 5.13 6.20 8.64
CA ALA A 82 5.83 6.20 9.93
C ALA A 82 4.82 6.04 11.06
N GLU A 83 3.72 6.77 10.96
CA GLU A 83 2.71 6.73 11.98
C GLU A 83 2.06 5.34 12.04
N ARG A 84 1.71 4.79 10.87
CA ARG A 84 1.12 3.45 10.83
C ARG A 84 2.06 2.41 11.42
N GLN A 85 3.33 2.50 11.07
CA GLN A 85 4.30 1.50 11.51
C GLN A 85 4.50 1.56 13.02
N LEU A 86 4.62 2.76 13.55
CA LEU A 86 4.83 2.95 14.99
C LEU A 86 3.58 2.55 15.78
N LEU A 87 2.40 2.77 15.21
CA LEU A 87 1.15 2.47 15.90
C LEU A 87 0.74 1.00 15.77
N ALA A 88 1.49 0.23 14.97
CA ALA A 88 1.27 -1.22 14.88
C ALA A 88 1.49 -1.89 16.24
N PRO A 89 0.75 -2.97 16.51
CA PRO A 89 0.93 -3.71 17.77
C PRO A 89 2.35 -4.27 17.90
N GLY A 90 2.88 -4.31 19.11
CA GLY A 90 4.25 -4.76 19.30
C GLY A 90 5.20 -3.61 19.60
N ASN A 91 4.75 -2.39 19.38
CA ASN A 91 5.54 -1.21 19.70
C ASN A 91 5.11 -0.62 21.03
N MET A 92 6.02 0.05 21.70
CA MET A 92 5.74 0.51 23.04
C MET A 92 5.85 2.01 23.15
N LEU A 93 5.49 2.53 24.32
CA LEU A 93 5.66 3.92 24.64
C LEU A 93 7.09 4.32 24.34
N GLY A 94 7.25 5.42 23.63
CA GLY A 94 8.58 5.90 23.28
C GLY A 94 9.24 5.19 22.12
N SER A 95 8.56 4.22 21.49
CA SER A 95 9.12 3.61 20.28
C SER A 95 9.37 4.71 19.25
N PHE A 96 10.41 4.58 18.44
CA PHE A 96 10.76 5.70 17.60
C PHE A 96 11.43 5.32 16.29
N MET A 97 11.51 6.28 15.39
CA MET A 97 12.33 6.15 14.20
C MET A 97 12.83 7.52 13.78
N ILE A 98 13.93 7.52 13.05
CA ILE A 98 14.33 8.73 12.35
C ILE A 98 14.14 8.44 10.87
N ARG A 99 13.65 9.42 10.14
CA ARG A 99 13.36 9.23 8.72
C ARG A 99 13.73 10.49 7.96
N ASP A 100 13.86 10.39 6.64
CA ASP A 100 14.05 11.59 5.82
C ASP A 100 12.85 12.52 5.94
N SER A 101 13.11 13.81 6.09
CA SER A 101 12.05 14.81 6.22
C SER A 101 11.23 14.91 4.96
N GLU A 102 9.90 15.06 5.10
CA GLU A 102 9.04 15.23 3.93
C GLU A 102 8.86 16.70 3.57
N THR A 103 9.14 17.60 4.50
CA THR A 103 8.87 19.01 4.26
C THR A 103 10.14 19.88 4.25
N THR A 104 11.28 19.28 4.61
CA THR A 104 12.56 19.97 4.55
C THR A 104 13.61 19.06 3.93
N LYS A 105 13.80 19.18 2.62
CA LYS A 105 14.73 18.33 1.89
C LYS A 105 16.12 18.29 2.53
N GLY A 106 16.68 17.09 2.64
CA GLY A 106 18.01 16.90 3.20
C GLY A 106 18.08 16.83 4.71
N SER A 107 17.01 17.23 5.39
CA SER A 107 16.97 17.20 6.85
C SER A 107 16.22 15.96 7.34
N TYR A 108 16.07 15.82 8.65
CA TYR A 108 15.48 14.59 9.19
C TYR A 108 14.33 14.88 10.14
N SER A 109 13.56 13.83 10.42
CA SER A 109 12.42 13.93 11.30
C SER A 109 12.48 12.80 12.30
N LEU A 110 12.14 13.10 13.55
CA LEU A 110 12.05 12.05 14.56
C LEU A 110 10.57 11.82 14.86
N SER A 111 10.17 10.55 14.82
CA SER A 111 8.78 10.19 15.09
C SER A 111 8.75 9.30 16.34
N VAL A 112 7.90 9.65 17.29
CA VAL A 112 7.91 9.03 18.61
C VAL A 112 6.49 8.61 18.99
N ARG A 113 6.36 7.37 19.45
CA ARG A 113 5.07 6.88 19.92
C ARG A 113 4.76 7.44 21.30
N ASP A 114 3.59 8.07 21.43
CA ASP A 114 3.17 8.78 22.63
C ASP A 114 1.84 8.19 23.13
N TYR A 115 1.47 8.48 24.37
CA TYR A 115 0.14 8.13 24.85
C TYR A 115 -0.35 9.20 25.80
N ASP A 116 -1.64 9.50 25.74
CA ASP A 116 -2.29 10.29 26.79
C ASP A 116 -3.75 9.87 26.86
N PRO A 117 -4.36 9.97 28.05
CA PRO A 117 -5.74 9.48 28.18
C PRO A 117 -6.75 10.22 27.30
N ARG A 118 -6.47 11.46 26.93
CA ARG A 118 -7.39 12.20 26.06
C ARG A 118 -7.33 11.73 24.61
N GLN A 119 -6.12 11.70 24.05
CA GLN A 119 -5.97 11.38 22.63
C GLN A 119 -5.66 9.90 22.37
N GLY A 120 -5.33 9.16 23.42
CA GLY A 120 -4.99 7.75 23.25
C GLY A 120 -3.62 7.60 22.62
N ASP A 121 -3.43 6.56 21.82
CA ASP A 121 -2.15 6.33 21.13
C ASP A 121 -1.95 7.33 20.00
N THR A 122 -0.80 8.00 20.02
CA THR A 122 -0.49 8.93 18.95
C THR A 122 0.99 8.82 18.60
N VAL A 123 1.35 9.49 17.50
CA VAL A 123 2.74 9.61 17.13
C VAL A 123 3.03 11.10 17.01
N LYS A 124 4.07 11.54 17.69
CA LYS A 124 4.50 12.94 17.65
C LYS A 124 5.73 13.02 16.78
N HIS A 125 5.85 14.12 16.04
CA HIS A 125 6.95 14.32 15.08
C HIS A 125 7.78 15.54 15.44
N TYR A 126 9.11 15.38 15.36
CA TYR A 126 10.03 16.48 15.65
C TYR A 126 10.94 16.76 14.48
N LYS A 127 11.17 18.05 14.22
CA LYS A 127 12.14 18.45 13.21
C LYS A 127 13.58 18.30 13.71
N ILE A 128 14.38 17.49 13.03
CA ILE A 128 15.81 17.46 13.32
C ILE A 128 16.50 18.37 12.34
N ARG A 129 17.08 19.45 12.85
CA ARG A 129 17.73 20.42 11.99
C ARG A 129 19.21 20.13 11.87
N THR A 130 19.77 20.40 10.70
CA THR A 130 21.19 20.19 10.49
C THR A 130 21.95 21.47 10.80
N LEU A 131 23.13 21.36 11.40
CA LEU A 131 23.96 22.54 11.63
C LEU A 131 24.81 22.79 10.40
N ASP A 132 25.06 24.07 10.12
CA ASP A 132 25.78 24.49 8.92
C ASP A 132 27.16 23.88 8.84
N ASN A 133 27.84 23.78 9.98
CA ASN A 133 29.21 23.26 9.97
C ASN A 133 29.30 21.82 10.49
N GLY A 134 28.18 21.09 10.44
CA GLY A 134 28.13 19.72 10.88
C GLY A 134 27.32 19.52 12.15
N GLY A 135 26.63 18.40 12.24
CA GLY A 135 25.86 18.08 13.44
C GLY A 135 24.38 18.35 13.31
N PHE A 136 23.65 18.11 14.40
CA PHE A 136 22.18 18.12 14.41
C PHE A 136 21.62 18.65 15.74
N TYR A 137 20.39 19.16 15.69
CA TYR A 137 19.67 19.48 16.93
C TYR A 137 18.15 19.48 16.70
N ILE A 138 17.40 19.27 17.77
CA ILE A 138 15.96 19.51 17.76
C ILE A 138 15.69 20.82 18.48
N SER A 139 16.31 20.95 19.65
CA SER A 139 16.34 22.20 20.40
C SER A 139 17.75 22.76 20.41
N PRO A 140 17.89 24.08 20.20
CA PRO A 140 19.19 24.78 20.13
C PRO A 140 20.11 24.52 21.31
N ARG A 141 19.55 24.28 22.50
CA ARG A 141 20.33 24.07 23.71
C ARG A 141 20.93 22.67 23.78
N SER A 142 20.55 21.81 22.83
CA SER A 142 21.08 20.45 22.83
C SER A 142 21.47 20.05 21.41
N THR A 143 22.77 20.19 21.09
CA THR A 143 23.28 19.89 19.76
C THR A 143 24.08 18.59 19.79
N PHE A 144 24.18 17.92 18.64
CA PHE A 144 24.86 16.64 18.56
C PHE A 144 25.71 16.54 17.31
N SER A 145 26.83 15.83 17.42
CA SER A 145 27.71 15.61 16.27
C SER A 145 27.14 14.60 15.29
N THR A 146 26.38 13.63 15.81
CA THR A 146 25.79 12.57 14.99
C THR A 146 24.34 12.32 15.39
N LEU A 147 23.59 11.66 14.51
CA LEU A 147 22.24 11.26 14.84
C LEU A 147 22.28 10.18 15.92
N GLN A 148 23.34 9.38 15.94
CA GLN A 148 23.48 8.36 16.99
C GLN A 148 23.57 9.02 18.38
N GLU A 149 24.30 10.13 18.47
CA GLU A 149 24.41 10.85 19.75
C GLU A 149 23.05 11.43 20.16
N LEU A 150 22.32 11.96 19.19
CA LEU A 150 20.98 12.48 19.44
C LEU A 150 20.09 11.38 20.02
N VAL A 151 20.08 10.21 19.38
CA VAL A 151 19.29 9.08 19.85
C VAL A 151 19.68 8.67 21.28
N ASP A 152 20.97 8.52 21.54
CA ASP A 152 21.43 8.12 22.87
C ASP A 152 21.07 9.17 23.91
N HIS A 153 21.11 10.43 23.51
CA HIS A 153 20.72 11.50 24.43
C HIS A 153 19.26 11.36 24.84
N TYR A 154 18.36 11.20 23.87
CA TYR A 154 16.95 11.19 24.24
C TYR A 154 16.47 9.81 24.74
N LYS A 155 17.34 8.81 24.67
CA LYS A 155 17.06 7.53 25.31
C LYS A 155 17.29 7.63 26.80
N LYS A 156 18.06 8.62 27.21
CA LYS A 156 18.39 8.79 28.64
C LYS A 156 17.36 9.64 29.37
N GLY A 157 16.69 10.53 28.65
CA GLY A 157 15.66 11.37 29.25
C GLY A 157 14.94 12.11 28.15
N ASN A 158 13.69 12.50 28.40
CA ASN A 158 12.90 13.10 27.33
C ASN A 158 13.42 14.48 26.93
N ASP A 159 13.92 15.25 27.91
CA ASP A 159 14.51 16.56 27.65
C ASP A 159 13.64 17.41 26.71
N GLY A 160 12.37 17.52 27.04
CA GLY A 160 11.46 18.29 26.22
C GLY A 160 10.57 17.47 25.28
N LEU A 161 11.03 16.29 24.88
CA LEU A 161 10.22 15.43 24.02
C LEU A 161 8.99 14.92 24.78
N CYS A 162 8.01 14.39 24.05
CA CYS A 162 6.81 13.81 24.67
C CYS A 162 7.15 12.61 25.55
N GLN A 163 8.10 11.82 25.11
CA GLN A 163 8.53 10.63 25.84
C GLN A 163 10.05 10.47 25.72
N LYS A 164 10.65 9.85 26.73
CA LYS A 164 11.99 9.33 26.59
C LYS A 164 11.95 8.24 25.52
N LEU A 165 12.92 8.25 24.59
CA LEU A 165 12.99 7.23 23.55
C LEU A 165 13.25 5.85 24.17
N SER A 166 12.50 4.84 23.73
CA SER A 166 12.74 3.49 24.25
C SER A 166 13.49 2.63 23.23
N VAL A 167 12.76 2.04 22.30
CA VAL A 167 13.37 1.17 21.30
C VAL A 167 12.91 1.54 19.88
N PRO A 168 13.75 1.22 18.88
CA PRO A 168 13.36 1.47 17.48
C PRO A 168 12.06 0.78 17.09
N CYS A 169 11.31 1.47 16.24
CA CYS A 169 10.09 0.92 15.67
C CYS A 169 10.35 -0.49 15.16
N MET A 170 9.44 -1.41 15.44
CA MET A 170 9.61 -2.77 14.98
C MET A 170 9.55 -2.81 13.46
N SER A 171 10.33 -3.72 12.88
CA SER A 171 10.29 -3.90 11.43
C SER A 171 10.57 -5.35 11.11
N SER A 172 10.28 -5.74 9.87
CA SER A 172 10.51 -7.11 9.44
C SER A 172 11.29 -7.11 8.13
N LYS A 173 11.96 -8.22 7.87
CA LYS A 173 12.72 -8.41 6.64
C LYS A 173 11.81 -8.22 5.43
N PRO A 174 12.19 -7.31 4.52
CA PRO A 174 11.38 -6.97 3.34
C PRO A 174 11.20 -8.13 2.39
N GLN A 175 10.21 -8.03 1.50
CA GLN A 175 9.99 -9.04 0.47
C GLN A 175 11.22 -9.13 -0.44
N LYS A 176 11.62 -10.35 -0.78
CA LYS A 176 12.61 -10.56 -1.82
C LYS A 176 12.12 -9.88 -3.10
N PRO A 177 13.00 -9.16 -3.80
CA PRO A 177 12.59 -8.62 -5.09
C PRO A 177 12.33 -9.75 -6.08
N TRP A 178 11.41 -9.55 -7.01
CA TRP A 178 11.06 -10.61 -7.96
C TRP A 178 12.26 -10.97 -8.85
N GLU A 179 12.37 -12.24 -9.20
CA GLU A 179 13.45 -12.77 -10.05
C GLU A 179 13.70 -11.90 -11.27
N LYS A 180 14.98 -11.76 -11.66
CA LYS A 180 15.37 -11.02 -12.85
C LYS A 180 14.73 -11.56 -14.11
N ASP A 181 14.18 -10.67 -14.94
CA ASP A 181 13.69 -11.02 -16.27
C ASP A 181 12.69 -12.18 -16.28
N ALA A 182 11.93 -12.34 -15.21
CA ALA A 182 10.89 -13.34 -15.16
C ALA A 182 9.53 -12.65 -15.18
N TRP A 183 9.24 -11.98 -16.30
CA TRP A 183 7.98 -11.27 -16.47
C TRP A 183 6.96 -12.23 -17.07
N GLU A 184 7.20 -12.67 -18.29
CA GLU A 184 6.37 -13.72 -18.88
C GLU A 184 6.99 -15.08 -18.56
N ILE A 185 6.33 -15.84 -17.68
CA ILE A 185 6.89 -17.08 -17.16
C ILE A 185 6.17 -18.30 -17.70
N PRO A 186 6.85 -19.46 -17.68
CA PRO A 186 6.21 -20.70 -18.12
C PRO A 186 5.16 -21.16 -17.11
N ARG A 187 4.07 -21.73 -17.59
CA ARG A 187 3.02 -22.19 -16.69
C ARG A 187 3.54 -23.28 -15.74
N GLU A 188 4.56 -24.02 -16.19
CA GLU A 188 5.12 -25.10 -15.39
C GLU A 188 5.90 -24.61 -14.16
N SER A 189 6.24 -23.32 -14.14
CA SER A 189 6.94 -22.74 -12.99
C SER A 189 6.04 -22.54 -11.78
N LEU A 190 4.74 -22.81 -11.93
CA LEU A 190 3.78 -22.59 -10.87
C LEU A 190 3.09 -23.86 -10.44
N LYS A 191 3.13 -24.15 -9.13
CA LYS A 191 2.30 -25.21 -8.58
C LYS A 191 1.13 -24.59 -7.83
N LEU A 192 -0.07 -24.81 -8.36
CA LEU A 192 -1.30 -24.32 -7.74
C LEU A 192 -1.61 -25.21 -6.54
N GLU A 193 -1.63 -24.63 -5.35
CA GLU A 193 -1.71 -25.42 -4.13
C GLU A 193 -3.06 -25.35 -3.44
N LYS A 194 -3.69 -24.20 -3.48
CA LYS A 194 -4.97 -24.05 -2.81
C LYS A 194 -5.85 -23.07 -3.57
N LYS A 195 -7.04 -23.51 -3.95
CA LYS A 195 -8.00 -22.63 -4.60
C LYS A 195 -8.62 -21.71 -3.56
N LEU A 196 -8.45 -20.40 -3.76
CA LEU A 196 -8.94 -19.42 -2.80
C LEU A 196 -10.36 -19.01 -3.11
N GLY A 197 -10.76 -19.15 -4.37
CA GLY A 197 -12.10 -18.80 -4.78
C GLY A 197 -12.30 -18.93 -6.28
N ALA A 198 -13.56 -19.00 -6.69
CA ALA A 198 -13.91 -19.06 -8.10
C ALA A 198 -14.88 -17.93 -8.42
N GLY A 199 -14.59 -17.20 -9.47
CA GLY A 199 -15.40 -16.05 -9.86
C GLY A 199 -16.02 -16.22 -11.23
N GLN A 200 -16.66 -15.18 -11.71
CA GLN A 200 -17.31 -15.21 -13.01
C GLN A 200 -16.34 -15.52 -14.15
N PHE A 201 -15.16 -14.90 -14.14
CA PHE A 201 -14.28 -15.00 -15.31
C PHE A 201 -12.94 -15.65 -15.00
N GLY A 202 -12.84 -16.24 -13.82
CA GLY A 202 -11.65 -16.97 -13.45
C GLY A 202 -11.65 -17.40 -12.00
N GLU A 203 -10.50 -17.90 -11.58
CA GLU A 203 -10.32 -18.39 -10.22
C GLU A 203 -9.11 -17.69 -9.61
N VAL A 204 -8.94 -17.77 -8.29
CA VAL A 204 -7.70 -17.34 -7.67
C VAL A 204 -7.14 -18.46 -6.81
N TRP A 205 -5.85 -18.72 -6.98
CA TRP A 205 -5.16 -19.77 -6.23
C TRP A 205 -4.01 -19.22 -5.42
N MET A 206 -3.74 -19.84 -4.28
CA MET A 206 -2.45 -19.67 -3.67
C MET A 206 -1.51 -20.68 -4.34
N ALA A 207 -0.27 -20.26 -4.61
CA ALA A 207 0.63 -21.08 -5.39
C ALA A 207 2.07 -20.87 -4.96
N THR A 208 2.96 -21.75 -5.44
CA THR A 208 4.39 -21.61 -5.23
C THR A 208 5.10 -21.44 -6.57
N TYR A 209 5.93 -20.42 -6.66
CA TYR A 209 6.70 -20.15 -7.87
C TYR A 209 8.11 -20.69 -7.74
N ASN A 210 8.45 -21.65 -8.61
CA ASN A 210 9.77 -22.29 -8.62
C ASN A 210 10.24 -22.71 -7.24
N LYS A 211 9.37 -23.43 -6.54
CA LYS A 211 9.69 -24.09 -5.28
C LYS A 211 10.11 -23.18 -4.11
N HIS A 212 10.16 -21.87 -4.31
CA HIS A 212 10.69 -21.00 -3.25
C HIS A 212 9.87 -19.77 -2.88
N THR A 213 8.87 -19.41 -3.70
CA THR A 213 8.19 -18.15 -3.48
C THR A 213 6.66 -18.31 -3.45
N LYS A 214 6.05 -17.86 -2.36
CA LYS A 214 4.60 -17.92 -2.22
C LYS A 214 3.95 -16.75 -2.97
N VAL A 215 2.99 -17.08 -3.84
CA VAL A 215 2.30 -16.07 -4.65
C VAL A 215 0.81 -16.33 -4.70
N ALA A 216 0.07 -15.37 -5.24
CA ALA A 216 -1.30 -15.62 -5.66
C ALA A 216 -1.33 -15.68 -7.18
N VAL A 217 -2.20 -16.51 -7.72
CA VAL A 217 -2.36 -16.61 -9.17
C VAL A 217 -3.83 -16.45 -9.54
N LYS A 218 -4.15 -15.41 -10.33
CA LYS A 218 -5.50 -15.29 -10.84
C LYS A 218 -5.54 -16.01 -12.18
N THR A 219 -6.41 -17.01 -12.30
CA THR A 219 -6.44 -17.84 -13.49
C THR A 219 -7.65 -17.52 -14.34
N MET A 220 -7.45 -16.86 -15.48
CA MET A 220 -8.58 -16.37 -16.26
C MET A 220 -9.15 -17.49 -17.15
N LYS A 221 -10.48 -17.56 -17.20
CA LYS A 221 -11.15 -18.56 -18.03
C LYS A 221 -10.81 -18.39 -19.50
N PRO A 222 -10.62 -19.51 -20.22
CA PRO A 222 -10.47 -19.42 -21.67
C PRO A 222 -11.68 -18.70 -22.27
N GLY A 223 -11.42 -17.80 -23.22
CA GLY A 223 -12.46 -17.00 -23.82
C GLY A 223 -12.62 -15.62 -23.20
N SER A 224 -12.01 -15.39 -22.05
CA SER A 224 -12.27 -14.14 -21.33
C SER A 224 -11.34 -13.01 -21.74
N MET A 225 -10.13 -13.34 -22.20
CA MET A 225 -9.17 -12.31 -22.58
C MET A 225 -8.31 -12.74 -23.77
N SER A 226 -7.83 -11.75 -24.49
CA SER A 226 -6.87 -11.95 -25.56
C SER A 226 -5.46 -11.78 -25.03
N VAL A 227 -4.54 -12.62 -25.48
CA VAL A 227 -3.16 -12.53 -25.04
C VAL A 227 -2.53 -11.18 -25.40
N GLU A 228 -2.67 -10.75 -26.65
CA GLU A 228 -2.03 -9.50 -27.04
C GLU A 228 -2.64 -8.28 -26.35
N ALA A 229 -3.97 -8.24 -26.25
CA ALA A 229 -4.64 -7.12 -25.58
C ALA A 229 -4.29 -7.11 -24.10
N PHE A 230 -4.36 -8.27 -23.48
CA PHE A 230 -4.04 -8.34 -22.07
C PHE A 230 -2.60 -7.90 -21.78
N LEU A 231 -1.66 -8.43 -22.57
CA LEU A 231 -0.24 -8.16 -22.34
C LEU A 231 0.06 -6.68 -22.51
N ALA A 232 -0.53 -6.04 -23.52
CA ALA A 232 -0.38 -4.60 -23.71
C ALA A 232 -0.74 -3.84 -22.44
N GLU A 233 -1.88 -4.21 -21.84
CA GLU A 233 -2.35 -3.54 -20.64
C GLU A 233 -1.53 -3.93 -19.42
N ALA A 234 -1.16 -5.21 -19.34
CA ALA A 234 -0.39 -5.73 -18.21
C ALA A 234 0.97 -5.05 -18.13
N ASN A 235 1.55 -4.73 -19.29
CA ASN A 235 2.81 -4.01 -19.31
C ASN A 235 2.69 -2.59 -18.77
N VAL A 236 1.47 -2.04 -18.74
CA VAL A 236 1.24 -0.78 -18.03
C VAL A 236 1.00 -1.03 -16.55
N MET A 237 0.14 -2.00 -16.26
CA MET A 237 -0.18 -2.36 -14.87
C MET A 237 1.07 -2.60 -14.04
N LYS A 238 2.04 -3.31 -14.60
CA LYS A 238 3.20 -3.71 -13.81
C LYS A 238 4.02 -2.50 -13.37
N THR A 239 3.87 -1.39 -14.07
CA THR A 239 4.61 -0.18 -13.74
C THR A 239 3.94 0.65 -12.65
N LEU A 240 2.69 0.30 -12.31
CA LEU A 240 1.95 1.04 -11.31
C LEU A 240 2.35 0.56 -9.92
N GLN A 241 3.57 0.90 -9.51
CA GLN A 241 4.13 0.36 -8.28
C GLN A 241 3.99 1.32 -7.12
N HIS A 242 3.29 0.87 -6.09
CA HIS A 242 2.93 1.72 -4.97
C HIS A 242 2.53 0.84 -3.80
N ASP A 243 2.81 1.27 -2.58
CA ASP A 243 2.59 0.41 -1.43
C ASP A 243 1.12 0.02 -1.26
N LYS A 244 0.22 0.81 -1.82
CA LYS A 244 -1.20 0.55 -1.65
C LYS A 244 -1.85 -0.04 -2.91
N LEU A 245 -1.04 -0.49 -3.86
CA LEU A 245 -1.53 -1.30 -4.99
C LEU A 245 -0.90 -2.68 -4.88
N VAL A 246 -1.67 -3.73 -5.16
CA VAL A 246 -1.10 -5.05 -5.14
C VAL A 246 -0.06 -5.18 -6.25
N LYS A 247 1.08 -5.75 -5.90
CA LYS A 247 2.18 -5.88 -6.86
C LYS A 247 1.92 -6.98 -7.86
N LEU A 248 2.02 -6.63 -9.14
CA LEU A 248 1.93 -7.58 -10.23
C LEU A 248 3.35 -8.06 -10.56
N HIS A 249 3.63 -9.33 -10.28
CA HIS A 249 4.94 -9.94 -10.48
C HIS A 249 5.18 -10.44 -11.89
N ALA A 250 4.24 -11.23 -12.39
CA ALA A 250 4.46 -11.98 -13.62
C ALA A 250 3.15 -12.40 -14.27
N VAL A 251 3.24 -12.88 -15.51
CA VAL A 251 2.07 -13.36 -16.24
C VAL A 251 2.42 -14.63 -17.03
N VAL A 252 1.42 -15.46 -17.27
CA VAL A 252 1.54 -16.54 -18.23
C VAL A 252 0.72 -16.14 -19.45
N THR A 253 1.41 -15.82 -20.54
CA THR A 253 0.76 -15.21 -21.69
C THR A 253 0.31 -16.25 -22.71
N LYS A 254 -0.51 -17.17 -22.22
CA LYS A 254 -1.11 -18.21 -23.03
C LYS A 254 -2.42 -18.60 -22.37
N GLU A 255 -3.47 -18.76 -23.15
CA GLU A 255 -4.76 -19.11 -22.60
C GLU A 255 -4.73 -20.53 -22.01
N PRO A 256 -5.22 -20.72 -20.77
CA PRO A 256 -5.79 -19.70 -19.87
C PRO A 256 -4.73 -18.80 -19.25
N ILE A 257 -4.91 -17.50 -19.43
CA ILE A 257 -3.94 -16.52 -18.96
C ILE A 257 -3.89 -16.54 -17.44
N TYR A 258 -2.67 -16.52 -16.90
CA TYR A 258 -2.47 -16.45 -15.45
C TYR A 258 -1.89 -15.10 -15.08
N ILE A 259 -2.33 -14.56 -13.95
CA ILE A 259 -1.82 -13.30 -13.44
C ILE A 259 -1.22 -13.58 -12.07
N ILE A 260 0.08 -13.31 -11.92
CA ILE A 260 0.78 -13.68 -10.69
C ILE A 260 1.09 -12.43 -9.87
N THR A 261 0.59 -12.41 -8.64
CA THR A 261 0.75 -11.26 -7.77
C THR A 261 1.25 -11.67 -6.38
N GLU A 262 1.61 -10.68 -5.57
CA GLU A 262 1.92 -10.97 -4.17
C GLU A 262 0.68 -11.58 -3.50
N PHE A 263 0.90 -12.47 -2.55
CA PHE A 263 -0.19 -13.08 -1.79
C PHE A 263 -0.62 -12.21 -0.59
N MET A 264 -1.92 -12.03 -0.45
CA MET A 264 -2.44 -11.17 0.61
C MET A 264 -3.21 -12.04 1.60
N ALA A 265 -2.65 -12.17 2.81
CA ALA A 265 -3.09 -13.21 3.74
C ALA A 265 -4.54 -13.11 4.21
N LYS A 266 -5.08 -11.89 4.28
CA LYS A 266 -6.44 -11.74 4.81
C LYS A 266 -7.47 -11.47 3.71
N GLY A 267 -7.06 -11.71 2.46
CA GLY A 267 -8.04 -11.78 1.37
C GLY A 267 -8.68 -10.45 1.04
N SER A 268 -9.94 -10.49 0.63
CA SER A 268 -10.63 -9.28 0.24
C SER A 268 -11.06 -8.45 1.43
N LEU A 269 -10.95 -7.13 1.31
CA LEU A 269 -11.47 -6.23 2.36
C LEU A 269 -12.95 -6.46 2.63
N LEU A 270 -13.71 -6.79 1.59
CA LEU A 270 -15.13 -7.07 1.80
C LEU A 270 -15.29 -8.25 2.73
N ASP A 271 -14.54 -9.32 2.46
CA ASP A 271 -14.61 -10.50 3.34
C ASP A 271 -14.08 -10.19 4.73
N PHE A 272 -13.01 -9.41 4.79
CA PHE A 272 -12.39 -9.08 6.08
C PHE A 272 -13.37 -8.30 6.95
N LEU A 273 -14.08 -7.34 6.35
CA LEU A 273 -15.04 -6.53 7.10
C LEU A 273 -16.15 -7.40 7.67
N LYS A 274 -16.43 -8.51 7.00
CA LYS A 274 -17.49 -9.43 7.40
C LYS A 274 -16.96 -10.62 8.19
N SER A 275 -15.71 -10.55 8.64
CA SER A 275 -15.11 -11.64 9.40
C SER A 275 -15.14 -11.34 10.89
N ASP A 276 -14.88 -12.35 11.70
CA ASP A 276 -14.86 -12.15 13.15
C ASP A 276 -13.85 -11.07 13.52
N GLU A 277 -12.68 -11.10 12.90
CA GLU A 277 -11.64 -10.15 13.23
C GLU A 277 -11.95 -8.76 12.67
N GLY A 278 -12.38 -8.69 11.41
CA GLY A 278 -12.56 -7.40 10.78
C GLY A 278 -13.77 -6.63 11.26
N SER A 279 -14.83 -7.35 11.66
CA SER A 279 -16.06 -6.70 12.13
C SER A 279 -15.80 -5.93 13.42
N LYS A 280 -14.65 -6.17 14.02
CA LYS A 280 -14.32 -5.57 15.30
C LYS A 280 -13.34 -4.42 15.20
N GLN A 281 -12.92 -4.06 13.98
CA GLN A 281 -12.04 -2.90 13.80
C GLN A 281 -12.77 -1.65 14.23
N PRO A 282 -12.12 -0.83 15.07
CA PRO A 282 -12.74 0.42 15.51
C PRO A 282 -12.81 1.45 14.38
N LEU A 283 -13.68 2.43 14.54
CA LEU A 283 -13.88 3.44 13.49
C LEU A 283 -12.61 4.15 12.99
N PRO A 284 -11.68 4.54 13.89
CA PRO A 284 -10.50 5.19 13.31
C PRO A 284 -9.64 4.25 12.44
N LYS A 285 -9.72 2.94 12.70
CA LYS A 285 -9.05 1.99 11.81
C LYS A 285 -9.75 1.95 10.45
N LEU A 286 -11.07 1.96 10.47
CA LEU A 286 -11.85 2.02 9.22
C LEU A 286 -11.48 3.26 8.42
N ILE A 287 -11.36 4.38 9.10
CA ILE A 287 -10.91 5.63 8.46
C ILE A 287 -9.50 5.45 7.88
N ASP A 288 -8.61 4.77 8.61
CA ASP A 288 -7.26 4.55 8.10
C ASP A 288 -7.26 3.66 6.85
N PHE A 289 -8.09 2.62 6.86
CA PHE A 289 -8.28 1.80 5.66
C PHE A 289 -8.66 2.67 4.49
N SER A 290 -9.67 3.52 4.72
CA SER A 290 -10.15 4.45 3.70
C SER A 290 -9.03 5.36 3.20
N ALA A 291 -8.21 5.84 4.12
CA ALA A 291 -7.07 6.68 3.75
C ALA A 291 -6.07 5.91 2.89
N GLN A 292 -5.79 4.67 3.25
CA GLN A 292 -4.83 3.86 2.50
C GLN A 292 -5.29 3.66 1.06
N ILE A 293 -6.57 3.36 0.90
CA ILE A 293 -7.11 3.16 -0.45
C ILE A 293 -7.07 4.46 -1.22
N ALA A 294 -7.38 5.57 -0.56
CA ALA A 294 -7.35 6.87 -1.24
C ALA A 294 -5.92 7.23 -1.67
N GLU A 295 -4.93 6.81 -0.89
CA GLU A 295 -3.53 7.04 -1.24
C GLU A 295 -3.18 6.27 -2.51
N GLY A 296 -3.63 5.03 -2.58
CA GLY A 296 -3.43 4.19 -3.75
C GLY A 296 -4.16 4.78 -4.95
N MET A 297 -5.38 5.27 -4.75
CA MET A 297 -6.11 5.89 -5.88
C MET A 297 -5.53 7.25 -6.30
N ALA A 298 -4.95 7.99 -5.36
CA ALA A 298 -4.28 9.24 -5.73
C ALA A 298 -3.07 8.94 -6.61
N PHE A 299 -2.40 7.83 -6.34
CA PHE A 299 -1.29 7.38 -7.20
C PHE A 299 -1.80 7.05 -8.60
N ILE A 300 -2.87 6.26 -8.66
CA ILE A 300 -3.47 5.91 -9.94
C ILE A 300 -3.89 7.17 -10.70
N GLU A 301 -4.46 8.13 -9.99
CA GLU A 301 -4.83 9.43 -10.56
C GLU A 301 -3.60 10.18 -11.10
N GLN A 302 -2.54 10.21 -10.30
CA GLN A 302 -1.30 10.89 -10.71
C GLN A 302 -0.73 10.25 -11.97
N ARG A 303 -0.98 8.97 -12.15
CA ARG A 303 -0.44 8.22 -13.27
C ARG A 303 -1.38 8.17 -14.46
N ASN A 304 -2.45 8.97 -14.41
CA ASN A 304 -3.44 9.06 -15.48
C ASN A 304 -3.97 7.67 -15.86
N TYR A 305 -4.26 6.87 -14.85
CA TYR A 305 -4.80 5.54 -15.05
C TYR A 305 -6.25 5.52 -14.54
N ILE A 306 -6.98 4.45 -14.84
CA ILE A 306 -8.38 4.32 -14.43
C ILE A 306 -8.59 2.92 -13.87
N HIS A 307 -9.21 2.81 -12.70
CA HIS A 307 -9.41 1.49 -12.13
C HIS A 307 -10.50 0.73 -12.85
N ARG A 308 -11.68 1.38 -12.92
CA ARG A 308 -12.90 0.92 -13.59
C ARG A 308 -13.80 0.02 -12.75
N ASP A 309 -13.28 -0.55 -11.67
CA ASP A 309 -14.11 -1.45 -10.86
C ASP A 309 -13.69 -1.36 -9.40
N LEU A 310 -13.66 -0.14 -8.90
CA LEU A 310 -13.25 0.10 -7.54
C LEU A 310 -14.41 -0.21 -6.58
N ARG A 311 -14.16 -1.11 -5.64
CA ARG A 311 -15.17 -1.49 -4.65
C ARG A 311 -14.47 -2.36 -3.63
N ALA A 312 -15.11 -2.59 -2.47
CA ALA A 312 -14.41 -3.29 -1.40
C ALA A 312 -13.98 -4.69 -1.79
N ALA A 313 -14.72 -5.36 -2.67
CA ALA A 313 -14.34 -6.70 -3.09
C ALA A 313 -12.97 -6.73 -3.77
N ASN A 314 -12.59 -5.61 -4.37
CA ASN A 314 -11.33 -5.51 -5.12
C ASN A 314 -10.21 -4.81 -4.37
N ILE A 315 -10.39 -4.71 -3.06
CA ILE A 315 -9.33 -4.27 -2.15
C ILE A 315 -8.88 -5.52 -1.41
N LEU A 316 -7.57 -5.74 -1.30
CA LEU A 316 -7.04 -6.87 -0.55
C LEU A 316 -6.41 -6.37 0.74
N VAL A 317 -6.29 -7.27 1.72
CA VAL A 317 -5.79 -6.92 3.05
C VAL A 317 -4.62 -7.84 3.43
N SER A 318 -3.49 -7.26 3.82
CA SER A 318 -2.31 -8.07 4.15
C SER A 318 -2.41 -8.61 5.58
N ALA A 319 -1.50 -9.51 5.93
CA ALA A 319 -1.46 -10.03 7.30
C ALA A 319 -1.32 -8.89 8.32
N SER A 320 -0.66 -7.81 7.95
CA SER A 320 -0.49 -6.67 8.85
C SER A 320 -1.53 -5.57 8.62
N LEU A 321 -2.65 -5.93 7.99
CA LEU A 321 -3.78 -5.02 7.76
C LEU A 321 -3.45 -3.82 6.86
N VAL A 322 -2.57 -4.03 5.88
CA VAL A 322 -2.35 -3.01 4.88
C VAL A 322 -3.33 -3.29 3.74
N CYS A 323 -4.03 -2.25 3.29
CA CYS A 323 -4.98 -2.38 2.19
C CYS A 323 -4.28 -2.13 0.86
N LYS A 324 -4.52 -3.00 -0.12
CA LYS A 324 -3.91 -2.86 -1.43
C LYS A 324 -4.93 -3.04 -2.52
N ILE A 325 -4.93 -2.11 -3.47
CA ILE A 325 -5.91 -2.07 -4.54
C ILE A 325 -5.58 -3.17 -5.55
N ALA A 326 -6.58 -4.00 -5.88
CA ALA A 326 -6.41 -5.05 -6.87
C ALA A 326 -7.27 -4.81 -8.10
N ASP A 327 -6.98 -5.56 -9.15
CA ASP A 327 -7.78 -5.56 -10.39
C ASP A 327 -7.85 -4.20 -11.06
N PHE A 328 -6.86 -3.34 -10.80
CA PHE A 328 -6.86 -2.02 -11.42
C PHE A 328 -6.67 -2.21 -12.92
N GLY A 329 -7.62 -1.67 -13.68
CA GLY A 329 -7.57 -1.74 -15.14
C GLY A 329 -8.01 -3.05 -15.74
N LEU A 330 -8.29 -4.07 -14.92
CA LEU A 330 -8.54 -5.40 -15.48
C LEU A 330 -9.82 -5.48 -16.32
N ALA A 331 -10.87 -4.79 -15.90
CA ALA A 331 -12.15 -4.86 -16.59
C ALA A 331 -12.00 -4.44 -18.05
N ARG A 332 -11.03 -3.58 -18.31
CA ARG A 332 -10.78 -3.10 -19.67
C ARG A 332 -10.44 -4.23 -20.63
N VAL A 333 -9.78 -5.27 -20.13
CA VAL A 333 -9.31 -6.32 -21.05
C VAL A 333 -10.04 -7.64 -20.86
N ILE A 334 -11.14 -7.62 -20.11
CA ILE A 334 -12.09 -8.74 -20.13
C ILE A 334 -13.01 -8.53 -21.34
N GLU A 335 -13.04 -9.51 -22.24
CA GLU A 335 -13.76 -9.35 -23.50
C GLU A 335 -15.25 -9.62 -23.34
N ASP A 336 -16.07 -8.93 -24.13
CA ASP A 336 -17.50 -9.20 -24.20
C ASP A 336 -17.79 -10.07 -25.42
N ASN A 337 -18.08 -11.35 -25.19
CA ASN A 337 -18.30 -12.27 -26.29
C ASN A 337 -19.25 -13.36 -25.83
N GLU A 338 -19.46 -14.38 -26.65
CA GLU A 338 -20.42 -15.41 -26.27
C GLU A 338 -19.96 -16.16 -25.03
N TYR A 339 -18.65 -16.30 -24.87
CA TYR A 339 -18.10 -17.03 -23.73
C TYR A 339 -18.36 -16.30 -22.41
N THR A 340 -17.97 -15.04 -22.33
CA THR A 340 -18.13 -14.31 -21.07
C THR A 340 -19.60 -14.02 -20.79
N ALA A 341 -20.38 -13.87 -21.86
CA ALA A 341 -21.81 -13.62 -21.68
C ALA A 341 -22.52 -14.78 -20.96
N ARG A 342 -22.01 -16.00 -21.13
CA ARG A 342 -22.64 -17.18 -20.51
C ARG A 342 -22.69 -17.08 -19.00
N GLU A 343 -21.86 -16.21 -18.42
CA GLU A 343 -21.83 -16.02 -16.98
C GLU A 343 -22.97 -15.12 -16.50
N GLY A 344 -22.93 -13.84 -16.87
CA GLY A 344 -23.95 -12.88 -16.46
C GLY A 344 -23.47 -11.69 -15.64
N ALA A 345 -23.79 -10.49 -16.10
CA ALA A 345 -23.66 -9.23 -15.33
C ALA A 345 -22.21 -8.78 -15.05
N LYS A 346 -21.55 -8.23 -16.07
CA LYS A 346 -20.16 -7.80 -15.99
C LYS A 346 -19.84 -6.81 -14.85
N PHE A 347 -20.50 -5.65 -14.84
CA PHE A 347 -20.17 -4.64 -13.83
C PHE A 347 -21.37 -4.26 -12.94
N PRO A 348 -21.08 -3.79 -11.72
CA PRO A 348 -22.21 -3.61 -10.79
C PRO A 348 -22.82 -2.22 -10.82
N ILE A 349 -24.11 -2.15 -11.17
CA ILE A 349 -24.84 -0.90 -11.22
C ILE A 349 -24.70 -0.06 -9.94
N LYS A 350 -24.80 -0.68 -8.76
CA LYS A 350 -24.79 0.10 -7.51
C LYS A 350 -23.46 0.77 -7.18
N TRP A 351 -22.37 0.37 -7.84
CA TRP A 351 -21.06 0.94 -7.56
C TRP A 351 -20.60 1.88 -8.65
N THR A 352 -21.36 1.96 -9.73
CA THR A 352 -20.86 2.62 -10.94
C THR A 352 -21.48 4.00 -11.15
N ALA A 353 -20.66 4.97 -11.57
CA ALA A 353 -21.13 6.33 -11.81
C ALA A 353 -22.17 6.36 -12.93
N PRO A 354 -23.14 7.28 -12.84
CA PRO A 354 -24.18 7.29 -13.88
C PRO A 354 -23.68 7.50 -15.30
N GLU A 355 -22.63 8.30 -15.50
CA GLU A 355 -22.17 8.54 -16.86
C GLU A 355 -21.45 7.31 -17.42
N ALA A 356 -20.87 6.48 -16.54
CA ALA A 356 -20.28 5.22 -16.98
C ALA A 356 -21.37 4.23 -17.38
N ILE A 357 -22.41 4.14 -16.55
CA ILE A 357 -23.55 3.29 -16.92
C ILE A 357 -24.18 3.73 -18.23
N ASN A 358 -24.45 5.02 -18.35
CA ASN A 358 -25.31 5.52 -19.42
C ASN A 358 -24.58 5.65 -20.74
N PHE A 359 -23.29 5.96 -20.70
CA PHE A 359 -22.56 6.26 -21.93
C PHE A 359 -21.25 5.48 -22.10
N GLY A 360 -20.87 4.69 -21.11
CA GLY A 360 -19.60 4.00 -21.13
C GLY A 360 -18.41 4.92 -20.88
N SER A 361 -18.66 6.06 -20.26
CA SER A 361 -17.60 7.02 -19.91
C SER A 361 -16.94 6.72 -18.56
N PHE A 362 -15.95 5.84 -18.61
CA PHE A 362 -15.13 5.52 -17.45
C PHE A 362 -13.92 6.46 -17.38
N THR A 363 -13.77 7.15 -16.26
CA THR A 363 -12.66 8.08 -16.06
C THR A 363 -12.24 7.97 -14.61
N ILE A 364 -11.19 8.71 -14.23
CA ILE A 364 -10.83 8.77 -12.83
C ILE A 364 -11.98 9.34 -12.01
N LYS A 365 -12.82 10.17 -12.63
CA LYS A 365 -13.97 10.70 -11.88
C LYS A 365 -15.05 9.66 -11.65
N SER A 366 -15.23 8.70 -12.57
CA SER A 366 -16.18 7.63 -12.23
C SER A 366 -15.59 6.75 -11.14
N ASP A 367 -14.25 6.64 -11.07
CA ASP A 367 -13.62 5.95 -9.94
C ASP A 367 -13.91 6.70 -8.63
N VAL A 368 -13.90 8.03 -8.68
CA VAL A 368 -14.19 8.84 -7.48
C VAL A 368 -15.59 8.52 -6.98
N TRP A 369 -16.53 8.40 -7.91
CA TRP A 369 -17.90 8.03 -7.53
C TRP A 369 -17.86 6.68 -6.81
N SER A 370 -17.23 5.70 -7.44
CA SER A 370 -17.09 4.36 -6.83
C SER A 370 -16.43 4.38 -5.46
N PHE A 371 -15.41 5.23 -5.30
CA PHE A 371 -14.77 5.37 -4.00
C PHE A 371 -15.77 5.79 -2.92
N GLY A 372 -16.69 6.69 -3.26
CA GLY A 372 -17.70 7.09 -2.29
C GLY A 372 -18.54 5.90 -1.85
N ILE A 373 -18.93 5.04 -2.81
CA ILE A 373 -19.65 3.82 -2.46
C ILE A 373 -18.82 2.91 -1.55
N LEU A 374 -17.53 2.80 -1.86
CA LEU A 374 -16.59 1.99 -1.07
C LEU A 374 -16.50 2.51 0.38
N LEU A 375 -16.48 3.82 0.54
CA LEU A 375 -16.46 4.41 1.88
C LEU A 375 -17.66 3.93 2.68
N MET A 376 -18.81 3.92 2.03
CA MET A 376 -20.03 3.45 2.68
C MET A 376 -19.93 1.96 2.99
N GLU A 377 -19.35 1.17 2.08
CA GLU A 377 -19.14 -0.25 2.36
C GLU A 377 -18.27 -0.41 3.61
N ILE A 378 -17.26 0.42 3.72
CA ILE A 378 -16.35 0.30 4.86
C ILE A 378 -17.03 0.62 6.18
N VAL A 379 -17.76 1.74 6.24
CA VAL A 379 -18.28 2.16 7.53
C VAL A 379 -19.50 1.30 7.97
N THR A 380 -20.10 0.57 7.03
CA THR A 380 -21.17 -0.40 7.35
C THR A 380 -20.66 -1.84 7.45
N TYR A 381 -19.34 -2.00 7.45
CA TYR A 381 -18.70 -3.30 7.53
C TYR A 381 -19.21 -4.26 6.45
N GLY A 382 -19.36 -3.77 5.22
CA GLY A 382 -19.63 -4.67 4.13
C GLY A 382 -21.08 -4.83 3.69
N ARG A 383 -21.95 -3.92 4.11
CA ARG A 383 -23.34 -3.98 3.71
C ARG A 383 -23.48 -3.71 2.22
N ILE A 384 -24.48 -4.34 1.59
CA ILE A 384 -24.79 -4.04 0.19
C ILE A 384 -25.14 -2.56 0.05
N PRO A 385 -24.65 -1.90 -1.02
CA PRO A 385 -25.10 -0.53 -1.23
C PRO A 385 -26.61 -0.47 -1.46
N TYR A 386 -27.24 0.63 -1.07
CA TYR A 386 -28.67 0.89 -1.29
C TYR A 386 -29.55 -0.26 -0.81
N PRO A 387 -29.44 -0.60 0.48
CA PRO A 387 -30.24 -1.71 1.00
C PRO A 387 -31.72 -1.49 0.70
N GLY A 388 -32.40 -2.56 0.32
CA GLY A 388 -33.83 -2.50 0.07
C GLY A 388 -34.20 -1.96 -1.30
N MET A 389 -33.20 -1.67 -2.13
CA MET A 389 -33.50 -1.09 -3.46
C MET A 389 -33.01 -1.97 -4.60
N SER A 390 -33.82 -2.06 -5.65
CA SER A 390 -33.44 -2.78 -6.86
C SER A 390 -32.52 -1.90 -7.70
N ASN A 391 -31.90 -2.46 -8.72
CA ASN A 391 -31.01 -1.67 -9.59
C ASN A 391 -31.75 -0.54 -10.33
N PRO A 392 -32.94 -0.81 -10.92
CA PRO A 392 -33.67 0.32 -11.53
C PRO A 392 -34.01 1.40 -10.53
N GLU A 393 -34.38 0.97 -9.32
CA GLU A 393 -34.72 1.93 -8.27
C GLU A 393 -33.53 2.82 -7.91
N VAL A 394 -32.33 2.24 -7.85
CA VAL A 394 -31.15 3.03 -7.56
C VAL A 394 -30.92 4.07 -8.65
N ILE A 395 -30.95 3.63 -9.90
CA ILE A 395 -30.69 4.58 -10.99
C ILE A 395 -31.70 5.73 -10.97
N ARG A 396 -32.99 5.41 -10.81
CA ARG A 396 -34.00 6.46 -10.87
C ARG A 396 -33.93 7.39 -9.67
N ALA A 397 -33.60 6.84 -8.50
CA ALA A 397 -33.49 7.66 -7.28
C ALA A 397 -32.32 8.65 -7.40
N LEU A 398 -31.21 8.15 -7.90
CA LEU A 398 -30.00 8.96 -8.06
C LEU A 398 -30.26 10.13 -9.01
N GLU A 399 -31.00 9.85 -10.08
CA GLU A 399 -31.38 10.89 -11.03
C GLU A 399 -32.17 12.02 -10.38
N ARG A 400 -32.86 11.71 -9.29
CA ARG A 400 -33.65 12.69 -8.55
C ARG A 400 -32.95 13.23 -7.30
N GLY A 401 -31.65 13.03 -7.22
CA GLY A 401 -30.89 13.62 -6.11
C GLY A 401 -30.92 12.83 -4.83
N TYR A 402 -31.53 11.64 -4.86
CA TYR A 402 -31.40 10.73 -3.73
C TYR A 402 -29.94 10.28 -3.63
N ARG A 403 -29.43 10.18 -2.41
CA ARG A 403 -28.17 9.52 -2.11
C ARG A 403 -28.36 8.71 -0.84
N MET A 404 -27.59 7.65 -0.65
CA MET A 404 -27.68 6.88 0.59
C MET A 404 -27.54 7.81 1.79
N PRO A 405 -28.43 7.67 2.78
CA PRO A 405 -28.33 8.50 3.99
C PRO A 405 -27.14 8.12 4.86
N ARG A 406 -26.74 9.01 5.75
CA ARG A 406 -25.64 8.70 6.64
C ARG A 406 -26.03 7.60 7.61
N PRO A 407 -25.23 6.52 7.68
CA PRO A 407 -25.57 5.43 8.60
C PRO A 407 -25.12 5.73 10.02
N GLU A 408 -25.44 4.84 10.95
CA GLU A 408 -24.94 4.97 12.29
C GLU A 408 -23.42 4.77 12.31
N ASN A 409 -22.78 5.40 13.30
CA ASN A 409 -21.36 5.26 13.50
C ASN A 409 -20.57 5.70 12.28
N CYS A 410 -21.02 6.81 11.70
CA CYS A 410 -20.33 7.43 10.57
C CYS A 410 -20.12 8.90 10.86
N PRO A 411 -18.85 9.32 11.05
CA PRO A 411 -18.53 10.73 11.23
C PRO A 411 -19.09 11.58 10.11
N GLU A 412 -19.67 12.73 10.46
CA GLU A 412 -20.31 13.56 9.46
C GLU A 412 -19.34 13.95 8.36
N GLU A 413 -18.09 14.21 8.73
CA GLU A 413 -17.13 14.66 7.71
C GLU A 413 -16.85 13.55 6.70
N LEU A 414 -16.85 12.30 7.17
CA LEU A 414 -16.71 11.18 6.23
C LEU A 414 -17.90 11.13 5.26
N TYR A 415 -19.11 11.29 5.79
CA TYR A 415 -20.29 11.31 4.91
C TYR A 415 -20.23 12.48 3.92
N ASN A 416 -19.76 13.64 4.40
CA ASN A 416 -19.55 14.77 3.50
C ASN A 416 -18.62 14.43 2.31
N ILE A 417 -17.59 13.61 2.57
CA ILE A 417 -16.72 13.19 1.48
C ILE A 417 -17.47 12.29 0.49
N MET A 418 -18.27 11.36 1.02
CA MET A 418 -19.12 10.54 0.15
C MET A 418 -20.00 11.39 -0.74
N MET A 419 -20.63 12.41 -0.15
CA MET A 419 -21.59 13.21 -0.90
C MET A 419 -20.86 13.98 -2.03
N ARG A 420 -19.63 14.41 -1.77
CA ARG A 420 -18.82 15.05 -2.82
C ARG A 420 -18.47 14.07 -3.93
N CYS A 421 -18.18 12.83 -3.56
CA CYS A 421 -17.86 11.81 -4.55
C CYS A 421 -19.07 11.52 -5.42
N TRP A 422 -20.26 11.71 -4.87
CA TRP A 422 -21.49 11.37 -5.58
C TRP A 422 -22.15 12.56 -6.25
N LYS A 423 -21.37 13.58 -6.63
CA LYS A 423 -21.94 14.62 -7.49
C LYS A 423 -22.32 14.03 -8.84
N ASN A 424 -23.49 14.39 -9.37
CA ASN A 424 -23.95 13.78 -10.62
C ASN A 424 -23.04 14.22 -11.79
N ARG A 425 -22.55 15.44 -11.71
CA ARG A 425 -21.60 15.94 -12.72
C ARG A 425 -20.16 15.59 -12.33
N PRO A 426 -19.47 14.81 -13.18
CA PRO A 426 -18.17 14.28 -12.77
C PRO A 426 -17.13 15.37 -12.52
N GLU A 427 -17.20 16.47 -13.26
CA GLU A 427 -16.24 17.55 -13.04
C GLU A 427 -16.41 18.20 -11.66
N GLU A 428 -17.54 17.98 -10.99
CA GLU A 428 -17.76 18.54 -9.66
C GLU A 428 -17.26 17.62 -8.53
N ARG A 429 -16.86 16.41 -8.88
CA ARG A 429 -16.31 15.50 -7.88
C ARG A 429 -14.86 15.85 -7.53
N PRO A 430 -14.46 15.62 -6.27
CA PRO A 430 -13.09 15.94 -5.88
C PRO A 430 -12.03 15.07 -6.56
N THR A 431 -10.77 15.47 -6.48
CA THR A 431 -9.65 14.64 -6.90
C THR A 431 -9.32 13.66 -5.78
N PHE A 432 -8.68 12.55 -6.13
CA PHE A 432 -8.17 11.65 -5.12
C PHE A 432 -7.06 12.32 -4.33
N GLU A 433 -6.36 13.26 -4.97
CA GLU A 433 -5.36 14.03 -4.23
C GLU A 433 -6.04 14.76 -3.05
N TYR A 434 -7.18 15.37 -3.30
CA TYR A 434 -7.93 16.04 -2.24
C TYR A 434 -8.43 15.04 -1.18
N ILE A 435 -9.05 13.97 -1.63
CA ILE A 435 -9.61 12.97 -0.71
C ILE A 435 -8.53 12.39 0.19
N GLN A 436 -7.38 12.03 -0.41
CA GLN A 436 -6.24 11.53 0.33
C GLN A 436 -5.83 12.49 1.47
N SER A 437 -5.83 13.77 1.19
CA SER A 437 -5.39 14.76 2.18
C SER A 437 -6.38 14.87 3.34
N VAL A 438 -7.67 14.90 3.03
CA VAL A 438 -8.68 15.01 4.06
C VAL A 438 -8.74 13.74 4.92
N LEU A 439 -8.57 12.57 4.31
CA LEU A 439 -8.58 11.34 5.10
C LEU A 439 -7.27 11.12 5.88
N ASP A 440 -6.13 11.48 5.29
CA ASP A 440 -4.84 11.34 6.00
C ASP A 440 -4.83 12.17 7.29
N ASP A 441 -5.46 13.33 7.25
CA ASP A 441 -5.46 14.26 8.36
C ASP A 441 -6.77 14.27 9.12
N PHE A 442 -7.54 13.19 9.00
CA PHE A 442 -8.93 13.20 9.48
C PHE A 442 -9.07 13.62 10.93
N TYR A 443 -8.20 13.09 11.79
CA TYR A 443 -8.31 13.31 13.22
C TYR A 443 -7.33 14.36 13.74
N THR A 444 -6.44 14.83 12.86
CA THR A 444 -5.38 15.75 13.25
C THR A 444 -5.38 17.02 12.40
N ALA A 445 -6.56 17.39 11.92
CA ALA A 445 -6.68 18.53 10.99
C ALA A 445 -6.35 19.86 11.67
N THR A 446 -6.79 20.03 12.91
CA THR A 446 -6.55 21.27 13.65
C THR A 446 -5.33 21.16 14.56
N GLU A 447 -4.46 20.20 14.25
CA GLU A 447 -3.25 19.99 15.03
C GLU A 447 -2.01 20.37 14.23
N SER A 448 -0.95 20.75 14.92
CA SER A 448 0.29 21.17 14.26
C SER A 448 1.00 19.99 13.61
N GLN A 449 1.78 20.28 12.57
CA GLN A 449 2.58 19.27 11.89
C GLN A 449 3.60 18.66 12.84
N PTR A 450 4.51 19.50 13.31
CA PTR A 450 5.54 19.06 14.23
C PTR A 450 5.35 19.68 15.61
O PTR A 450 4.73 20.74 15.76
CB PTR A 450 6.92 19.48 13.71
CG PTR A 450 7.36 18.78 12.45
CD1 PTR A 450 7.09 19.32 11.21
CD2 PTR A 450 8.10 17.60 12.52
CE1 PTR A 450 7.52 18.70 10.05
CE2 PTR A 450 8.53 16.97 11.36
CZ PTR A 450 8.23 17.52 10.14
OH PTR A 450 8.65 16.95 9.04
P PTR A 450 7.78 15.88 8.20
O1P PTR A 450 7.06 16.62 7.15
O2P PTR A 450 8.74 14.85 7.60
O3P PTR A 450 6.78 15.20 9.17
N GLU A 451 5.88 19.00 16.63
CA GLU A 451 5.84 19.53 17.98
C GLU A 451 6.81 20.69 18.13
N GLU A 452 6.32 21.81 18.67
CA GLU A 452 7.14 22.98 18.92
C GLU A 452 7.80 22.89 20.29
N ILE A 453 8.87 22.11 20.37
CA ILE A 453 9.60 21.91 21.62
C ILE A 453 10.50 23.10 21.93
N PRO A 454 10.49 23.57 23.19
CA PRO A 454 11.35 24.69 23.60
C PRO A 454 12.83 24.31 23.58
N01 OOU B . -3.99 -12.76 -2.37
C01 OOU B . -4.98 -13.35 -1.60
N02 OOU B . -6.29 -13.51 -1.91
C02 OOU B . -6.58 -12.98 -3.15
C03 OOU B . -5.68 -12.35 -4.08
C04 OOU B . -4.36 -12.28 -3.60
N03 OOU B . -7.83 -12.98 -3.72
C05 OOU B . -7.73 -12.37 -4.97
C06 OOU B . -6.46 -11.93 -5.23
C07 OOU B . -6.11 -11.32 -6.47
C08 OOU B . -9.04 -13.57 -3.09
N04 OOU B . -3.37 -11.64 -4.39
C09 OOU B . -10.05 -12.45 -2.90
C10 OOU B . -11.40 -13.01 -2.37
C11 OOU B . -11.97 -14.10 -3.32
C12 OOU B . -10.93 -15.20 -3.48
C13 OOU B . -9.60 -14.64 -4.00
N05 OOU B . -13.22 -14.65 -2.74
C14 OOU B . -14.28 -13.69 -2.43
C15 OOU B . -6.75 -10.25 -7.07
C16 OOU B . -6.33 -9.74 -8.31
C17 OOU B . -5.27 -10.32 -9.01
C18 OOU B . -4.64 -11.42 -8.43
C19 OOU B . -5.06 -11.91 -7.20
O01 OOU B . -4.87 -9.86 -10.25
C20 OOU B . -4.64 -8.56 -10.55
C21 OOU B . -4.09 -7.68 -9.59
C22 OOU B . -3.86 -6.36 -9.91
C23 OOU B . -4.15 -5.89 -11.20
C24 OOU B . -4.67 -6.75 -12.15
C25 OOU B . -4.93 -8.09 -11.84
C26 OOU B . -15.48 -14.56 -2.03
O02 OOU B . -15.85 -15.49 -2.73
N06 OOU B . -16.13 -14.27 -0.84
C27 OOU B . -14.70 -12.75 -3.62
C28 OOU B . -15.72 -11.67 -3.18
C29 OOU B . -15.09 -10.67 -2.19
C30 OOU B . -16.26 -10.91 -4.40
C31 OOU B . -17.27 -15.08 -0.43
#